data_2YLH
#
_entry.id   2YLH
#
_cell.length_a   35.200
_cell.length_b   68.700
_cell.length_c   121.400
_cell.angle_alpha   90.00
_cell.angle_beta   90.00
_cell.angle_gamma   90.00
#
_symmetry.space_group_name_H-M   'P 21 21 21'
#
loop_
_entity.id
_entity.type
_entity.pdbx_description
1 polymer 'AGGLUTININ-LIKE PROTEIN'
2 water water
#
_entity_poly.entity_id   1
_entity_poly.type   'polypeptide(L)'
_entity_poly.pdbx_seq_one_letter_code
;MKTITGVFNSFDSLTWTRSVEYAYKGPETPTWNAVLGWSLNSTTADPGDTFTLILPCVFKFITTQTSVDLTADGVSYATC
DFNAGEEFTTFSSLSCTVNSVSVSYARVSGTVKLPITFNVGGTGSSVDLADSKCFTAGKNTVTFMDGDTKISTTVDFDAS
PVSPSGYITSSRIIPSLNKLSSLFVVPQCENGYTSGIMGFVASNGATIDCSNVNIGISKGLNDWNFPVSSESFSYTKTCT
STSITVEFQNVPAGYRPFVDAYISAENIDKYTLTYANEYTCENGNTVVDPFTLTWWWYKNSEADSDGDVIVV
;
_entity_poly.pdbx_strand_id   A
#
# COMPACT_ATOMS: atom_id res chain seq x y z
N LYS A 2 5.82 21.08 25.10
CA LYS A 2 5.69 21.83 23.81
C LYS A 2 5.96 20.99 22.56
N THR A 3 5.39 21.39 21.42
CA THR A 3 5.65 20.72 20.16
C THR A 3 6.73 21.48 19.40
N ILE A 4 7.80 20.78 19.03
CA ILE A 4 8.89 21.38 18.32
C ILE A 4 8.96 20.80 16.91
N THR A 5 9.64 21.53 16.02
CA THR A 5 9.72 21.14 14.61
C THR A 5 11.16 21.21 14.18
N GLY A 6 11.43 20.47 13.09
CA GLY A 6 12.78 20.53 12.44
C GLY A 6 13.83 19.70 13.15
N VAL A 7 13.41 18.67 13.85
CA VAL A 7 14.38 17.69 14.41
C VAL A 7 14.98 16.82 13.29
N PHE A 8 14.09 16.25 12.46
CA PHE A 8 14.57 15.49 11.31
C PHE A 8 15.09 16.46 10.25
N ASN A 9 16.37 16.36 9.87
CA ASN A 9 16.98 17.39 9.06
C ASN A 9 17.56 16.91 7.75
N SER A 10 17.60 15.59 7.55
CA SER A 10 18.06 15.05 6.24
C SER A 10 17.49 13.71 5.87
N PHE A 11 17.37 13.43 4.57
CA PHE A 11 16.99 12.11 4.13
C PHE A 11 18.24 11.51 3.48
N ASP A 12 18.85 10.59 4.20
CA ASP A 12 20.19 10.12 3.84
C ASP A 12 20.18 9.08 2.71
N SER A 13 19.31 8.04 2.86
CA SER A 13 19.21 7.06 1.78
C SER A 13 17.91 6.32 1.85
N LEU A 14 17.54 5.78 0.72
CA LEU A 14 16.34 4.93 0.63
C LEU A 14 16.66 3.72 -0.20
N THR A 15 16.61 2.53 0.43
CA THR A 15 17.04 1.28 -0.24
C THR A 15 16.07 0.16 0.02
N TRP A 16 15.95 -0.75 -0.96
CA TRP A 16 15.04 -1.85 -0.87
C TRP A 16 15.81 -3.08 -0.38
N THR A 17 15.16 -3.89 0.46
CA THR A 17 15.79 -5.12 0.98
C THR A 17 14.96 -6.28 0.52
N ARG A 18 15.62 -7.29 -0.05
CA ARG A 18 14.96 -8.41 -0.75
C ARG A 18 14.77 -9.57 0.19
N SER A 19 13.86 -10.46 -0.20
CA SER A 19 13.49 -11.59 0.63
C SER A 19 12.94 -12.70 -0.30
N VAL A 20 12.91 -13.95 0.20
CA VAL A 20 12.41 -15.13 -0.57
C VAL A 20 11.19 -14.85 -1.43
N GLU A 21 10.23 -14.11 -0.89
CA GLU A 21 8.94 -13.92 -1.56
C GLU A 21 8.96 -12.86 -2.68
N TYR A 22 9.57 -11.71 -2.38
CA TYR A 22 9.44 -10.58 -3.30
C TYR A 22 10.67 -10.42 -4.18
N ALA A 23 10.41 -10.29 -5.47
CA ALA A 23 11.45 -10.31 -6.50
C ALA A 23 11.53 -8.98 -7.21
N TYR A 24 10.36 -8.43 -7.63
CA TYR A 24 10.34 -7.16 -8.37
C TYR A 24 10.25 -5.96 -7.40
N LYS A 25 11.00 -4.92 -7.71
CA LYS A 25 11.27 -3.87 -6.77
C LYS A 25 10.27 -2.72 -6.98
N GLY A 26 9.03 -2.94 -6.51
CA GLY A 26 8.05 -1.88 -6.54
C GLY A 26 7.87 -1.10 -5.22
N PRO A 27 7.20 0.07 -5.32
CA PRO A 27 6.98 0.93 -4.17
C PRO A 27 6.24 0.22 -3.05
N GLU A 28 5.33 -0.74 -3.38
CA GLU A 28 4.53 -1.40 -2.33
C GLU A 28 5.22 -2.65 -1.81
N THR A 29 6.31 -3.04 -2.49
CA THR A 29 7.01 -4.28 -2.23
C THR A 29 7.90 -4.15 -0.98
N PRO A 30 7.61 -4.94 0.06
CA PRO A 30 8.47 -4.96 1.27
C PRO A 30 9.90 -5.40 0.88
N THR A 31 10.93 -4.81 1.46
CA THR A 31 10.83 -3.70 2.41
C THR A 31 11.73 -2.57 1.95
N TRP A 32 11.23 -1.33 2.06
CA TRP A 32 12.04 -0.16 1.80
C TRP A 32 12.57 0.42 3.10
N ASN A 33 13.86 0.78 3.11
CA ASN A 33 14.42 1.23 4.35
C ASN A 33 14.87 2.65 4.12
N ALA A 34 14.29 3.58 4.88
CA ALA A 34 14.67 4.97 4.83
C ALA A 34 15.59 5.36 5.99
N VAL A 35 16.76 5.90 5.67
CA VAL A 35 17.69 6.36 6.71
C VAL A 35 17.52 7.85 6.75
N LEU A 36 17.15 8.33 7.93
CA LEU A 36 16.98 9.79 8.13
C LEU A 36 17.89 10.36 9.23
N GLY A 37 18.32 11.59 8.97
CA GLY A 37 19.18 12.29 9.92
C GLY A 37 18.35 13.12 10.85
N TRP A 38 18.71 13.12 12.13
CA TRP A 38 17.99 13.94 13.13
C TRP A 38 19.01 14.72 13.99
N SER A 39 18.58 15.84 14.53
CA SER A 39 19.42 16.55 15.49
C SER A 39 18.56 17.15 16.63
N LEU A 40 19.09 17.08 17.85
CA LEU A 40 18.38 17.65 19.02
C LEU A 40 19.31 18.59 19.79
N ASN A 41 18.78 19.74 20.20
CA ASN A 41 19.50 20.78 20.97
C ASN A 41 18.85 20.95 22.34
N SER A 42 19.60 20.72 23.41
CA SER A 42 19.01 20.78 24.75
C SER A 42 18.44 22.15 25.14
N THR A 43 18.84 23.22 24.43
CA THR A 43 18.36 24.59 24.69
C THR A 43 17.00 24.79 24.03
N THR A 44 16.72 24.02 22.96
CA THR A 44 15.45 24.19 22.23
C THR A 44 14.47 23.02 22.43
N ALA A 45 14.96 21.93 22.97
CA ALA A 45 14.15 20.77 23.21
C ALA A 45 14.38 20.22 24.63
N ASP A 46 13.29 19.83 25.28
CA ASP A 46 13.32 19.35 26.65
C ASP A 46 12.67 17.98 26.70
N PRO A 47 13.12 17.11 27.63
CA PRO A 47 12.46 15.84 27.84
C PRO A 47 10.94 16.02 28.00
N GLY A 48 10.22 15.34 27.10
CA GLY A 48 8.75 15.31 27.10
C GLY A 48 8.18 16.14 25.96
N ASP A 49 9.04 16.93 25.31
CA ASP A 49 8.58 17.73 24.18
C ASP A 49 8.33 16.76 23.06
N THR A 50 7.38 17.11 22.18
CA THR A 50 7.01 16.20 21.13
C THR A 50 7.39 16.76 19.76
N PHE A 51 7.43 15.88 18.75
CA PHE A 51 7.72 16.32 17.40
C PHE A 51 7.25 15.24 16.45
N THR A 52 6.90 15.61 15.24
CA THR A 52 6.30 14.59 14.36
C THR A 52 7.00 14.61 13.01
N LEU A 53 7.19 13.44 12.43
CA LEU A 53 7.70 13.28 11.08
C LEU A 53 6.61 12.82 10.14
N ILE A 54 6.36 13.53 9.01
CA ILE A 54 5.34 13.16 8.07
C ILE A 54 5.94 12.36 6.94
N LEU A 55 5.28 11.26 6.60
CA LEU A 55 5.75 10.41 5.54
C LEU A 55 4.66 10.29 4.44
N PRO A 56 4.60 11.27 3.54
CA PRO A 56 3.63 11.24 2.45
C PRO A 56 3.79 9.98 1.58
N CYS A 57 2.66 9.47 1.11
CA CYS A 57 2.63 8.36 0.17
C CYS A 57 3.16 7.03 0.73
N VAL A 58 3.20 6.90 2.07
CA VAL A 58 3.68 5.72 2.79
C VAL A 58 2.47 5.01 3.44
N PHE A 59 2.26 3.76 3.03
CA PHE A 59 1.10 3.01 3.52
C PHE A 59 1.31 2.50 4.95
N LYS A 60 2.46 1.86 5.24
CA LYS A 60 2.61 1.19 6.53
C LYS A 60 4.10 1.01 6.83
N PHE A 61 4.40 0.67 8.09
CA PHE A 61 5.75 0.29 8.51
C PHE A 61 5.83 -1.24 8.59
N ILE A 62 6.94 -1.77 8.04
CA ILE A 62 7.18 -3.18 7.96
C ILE A 62 7.93 -3.58 9.24
N THR A 63 7.18 -3.68 10.34
CA THR A 63 7.75 -4.05 11.62
C THR A 63 6.59 -4.37 12.51
N THR A 64 6.85 -5.24 13.48
CA THR A 64 5.90 -5.47 14.57
C THR A 64 6.11 -4.54 15.81
N GLN A 65 7.26 -3.87 15.85
CA GLN A 65 7.49 -2.86 16.91
C GLN A 65 6.50 -1.72 16.79
N THR A 66 6.10 -1.18 17.95
CA THR A 66 5.22 -0.02 17.97
C THR A 66 6.00 1.32 17.88
N SER A 67 7.31 1.28 18.14
CA SER A 67 8.10 2.47 18.20
C SER A 67 9.54 2.20 17.80
N VAL A 68 10.23 3.26 17.43
CA VAL A 68 11.68 3.20 17.16
C VAL A 68 12.33 4.38 17.87
N ASP A 69 13.53 4.16 18.44
CA ASP A 69 14.21 5.22 19.15
C ASP A 69 15.21 5.97 18.28
N LEU A 70 15.42 7.24 18.59
CA LEU A 70 16.52 8.01 17.98
C LEU A 70 17.75 7.84 18.88
N THR A 71 18.70 7.00 18.47
CA THR A 71 19.83 6.69 19.37
C THR A 71 21.13 7.10 18.73
N ALA A 72 22.10 7.45 19.57
CA ALA A 72 23.46 7.80 19.10
C ALA A 72 24.37 7.29 20.21
N ASP A 73 25.42 6.53 19.84
CA ASP A 73 26.42 5.98 20.80
C ASP A 73 25.77 5.31 22.05
N GLY A 74 24.74 4.50 21.77
CA GLY A 74 23.97 3.78 22.78
C GLY A 74 23.15 4.60 23.79
N VAL A 75 22.82 5.85 23.45
CA VAL A 75 21.99 6.67 24.26
C VAL A 75 20.69 6.90 23.47
N SER A 76 19.55 6.75 24.16
CA SER A 76 18.20 6.94 23.54
C SER A 76 17.71 8.35 23.78
N TYR A 77 17.76 9.19 22.75
CA TYR A 77 17.47 10.60 22.90
C TYR A 77 15.98 10.94 22.66
N ALA A 78 15.29 10.04 21.95
CA ALA A 78 13.84 10.22 21.71
C ALA A 78 13.21 8.91 21.36
N THR A 79 11.87 8.77 21.55
CA THR A 79 11.14 7.58 21.16
C THR A 79 10.02 7.97 20.21
N CYS A 80 10.00 7.35 19.03
CA CYS A 80 9.02 7.71 17.98
C CYS A 80 8.04 6.57 17.74
N ASP A 81 6.74 6.83 18.00
CA ASP A 81 5.73 5.84 17.79
C ASP A 81 5.36 5.79 16.30
N PHE A 82 5.19 4.61 15.77
CA PHE A 82 4.73 4.43 14.37
C PHE A 82 3.21 4.69 14.24
N ASN A 83 2.87 5.54 13.31
CA ASN A 83 1.47 5.78 12.93
C ASN A 83 1.24 5.54 11.42
N ALA A 84 0.91 4.29 11.08
CA ALA A 84 0.71 3.91 9.67
C ALA A 84 -0.53 4.63 9.10
N GLY A 85 -0.39 5.11 7.88
CA GLY A 85 -1.51 5.74 7.11
C GLY A 85 -2.59 4.72 6.73
N GLU A 86 -2.15 3.58 6.22
CA GLU A 86 -3.04 2.53 5.73
C GLU A 86 -4.15 3.12 4.86
N GLU A 87 -5.40 2.70 5.15
CA GLU A 87 -6.55 3.24 4.40
C GLU A 87 -7.21 4.42 5.07
N PHE A 88 -6.61 4.87 6.17
CA PHE A 88 -7.14 6.04 6.86
C PHE A 88 -6.63 7.38 6.29
N THR A 89 -5.30 7.45 6.11
CA THR A 89 -4.68 8.66 5.60
C THR A 89 -3.71 8.31 4.49
N THR A 90 -3.48 9.27 3.60
CA THR A 90 -2.57 9.00 2.47
C THR A 90 -1.11 8.98 2.92
N PHE A 91 -0.85 9.46 4.12
CA PHE A 91 0.53 9.58 4.67
C PHE A 91 0.61 8.77 5.97
N SER A 92 1.82 8.24 6.24
CA SER A 92 2.16 7.72 7.53
C SER A 92 2.90 8.79 8.36
N SER A 93 3.07 8.53 9.66
CA SER A 93 3.83 9.51 10.49
C SER A 93 4.56 8.83 11.64
N LEU A 94 5.47 9.58 12.25
CA LEU A 94 6.02 9.25 13.55
C LEU A 94 5.58 10.30 14.57
N SER A 95 5.15 9.85 15.75
CA SER A 95 4.84 10.79 16.85
C SER A 95 5.95 10.52 17.89
N CYS A 96 6.87 11.49 17.97
CA CYS A 96 8.07 11.34 18.81
C CYS A 96 8.02 12.17 20.08
N THR A 97 8.78 11.72 21.07
CA THR A 97 8.85 12.43 22.36
C THR A 97 10.33 12.38 22.76
N VAL A 98 10.83 13.54 23.21
CA VAL A 98 12.22 13.66 23.63
C VAL A 98 12.36 12.94 24.95
N ASN A 99 13.47 12.16 25.09
CA ASN A 99 13.70 11.36 26.29
C ASN A 99 14.67 12.00 27.22
N SER A 100 14.49 11.75 28.51
CA SER A 100 15.48 12.19 29.49
C SER A 100 16.71 11.33 29.30
N VAL A 101 17.92 11.94 29.41
CA VAL A 101 19.17 11.18 29.29
C VAL A 101 20.07 11.37 30.50
N SER A 102 21.01 10.46 30.67
CA SER A 102 22.00 10.52 31.77
C SER A 102 23.26 11.36 31.45
N VAL A 103 23.52 11.59 30.16
CA VAL A 103 24.70 12.37 29.71
C VAL A 103 24.24 13.67 29.07
N SER A 104 24.52 14.79 29.74
CA SER A 104 24.12 16.13 29.32
C SER A 104 24.74 16.41 27.95
N TYR A 105 23.92 16.92 27.08
CA TYR A 105 24.42 17.28 25.78
C TYR A 105 24.00 18.73 25.52
N ALA A 106 24.73 19.36 24.61
CA ALA A 106 24.36 20.66 24.08
C ALA A 106 23.62 20.36 22.78
N ARG A 107 24.28 19.69 21.83
CA ARG A 107 23.68 19.33 20.55
C ARG A 107 24.12 17.92 20.21
N VAL A 108 23.15 17.08 19.83
CA VAL A 108 23.52 15.73 19.43
C VAL A 108 22.83 15.40 18.09
N SER A 109 23.50 14.61 17.26
CA SER A 109 22.99 14.23 15.89
C SER A 109 23.12 12.73 15.67
N GLY A 110 22.26 12.19 14.84
CA GLY A 110 22.31 10.77 14.63
C GLY A 110 21.40 10.38 13.48
N THR A 111 21.24 9.08 13.25
CA THR A 111 20.36 8.62 12.16
C THR A 111 19.37 7.64 12.69
N VAL A 112 18.32 7.37 11.89
CA VAL A 112 17.35 6.37 12.24
C VAL A 112 16.94 5.65 10.95
N LYS A 113 16.70 4.34 11.08
CA LYS A 113 16.24 3.51 9.94
C LYS A 113 14.75 3.17 10.08
N LEU A 114 13.97 3.48 9.04
CA LEU A 114 12.51 3.16 9.05
C LEU A 114 12.17 2.15 7.94
N PRO A 115 11.59 0.98 8.30
CA PRO A 115 11.16 -0.02 7.33
C PRO A 115 9.70 0.32 6.88
N ILE A 116 9.51 0.59 5.60
CA ILE A 116 8.28 1.17 5.05
C ILE A 116 7.92 0.48 3.75
N THR A 117 6.62 0.60 3.35
CA THR A 117 6.24 0.35 1.98
C THR A 117 5.37 1.56 1.55
N PHE A 118 5.56 1.98 0.30
CA PHE A 118 4.83 3.12 -0.23
C PHE A 118 3.42 2.71 -0.68
N ASN A 119 2.57 3.74 -0.83
CA ASN A 119 1.23 3.50 -1.35
C ASN A 119 1.11 4.15 -2.73
N VAL A 120 0.94 3.28 -3.76
CA VAL A 120 0.64 3.77 -5.12
C VAL A 120 -0.70 3.24 -5.66
N GLY A 121 -1.60 2.93 -4.72
CA GLY A 121 -2.97 2.48 -5.09
C GLY A 121 -3.33 1.13 -4.50
N GLY A 122 -4.42 0.50 -4.94
CA GLY A 122 -4.73 -0.79 -4.44
C GLY A 122 -6.23 -0.95 -4.36
N THR A 123 -6.96 0.13 -4.02
CA THR A 123 -8.45 0.04 -3.96
C THR A 123 -9.07 1.27 -4.60
N GLY A 124 -10.38 1.34 -4.57
CA GLY A 124 -11.14 2.55 -5.03
C GLY A 124 -11.35 3.57 -3.90
N SER A 125 -10.64 3.36 -2.76
CA SER A 125 -10.84 4.30 -1.60
C SER A 125 -10.22 5.65 -1.92
N SER A 126 -10.70 6.73 -1.26
CA SER A 126 -10.18 8.06 -1.52
C SER A 126 -8.67 8.10 -1.26
N VAL A 127 -8.21 7.36 -0.26
CA VAL A 127 -6.80 7.39 0.08
C VAL A 127 -5.99 6.73 -1.08
N ASP A 128 -6.40 5.55 -1.54
CA ASP A 128 -5.65 4.86 -2.58
C ASP A 128 -5.67 5.56 -3.91
N LEU A 129 -6.82 6.17 -4.27
CA LEU A 129 -6.94 6.93 -5.52
C LEU A 129 -6.01 8.16 -5.43
N ALA A 130 -5.96 8.81 -4.26
CA ALA A 130 -5.03 9.95 -4.15
C ALA A 130 -3.60 9.49 -4.31
N ASP A 131 -3.29 8.35 -3.63
CA ASP A 131 -1.88 7.90 -3.63
C ASP A 131 -1.45 7.27 -4.97
N SER A 132 -2.41 6.94 -5.82
CA SER A 132 -2.10 6.31 -7.11
C SER A 132 -1.31 7.28 -8.01
N LYS A 133 -1.32 8.59 -7.63
CA LYS A 133 -0.62 9.63 -8.40
C LYS A 133 0.64 10.07 -7.69
N CYS A 134 1.03 9.29 -6.67
CA CYS A 134 2.22 9.66 -5.84
C CYS A 134 3.56 9.59 -6.62
N PHE A 135 3.71 8.53 -7.37
CA PHE A 135 4.98 8.23 -8.09
C PHE A 135 4.70 7.74 -9.50
N THR A 136 5.76 7.80 -10.31
CA THR A 136 5.72 7.27 -11.69
C THR A 136 6.89 6.31 -11.80
N ALA A 137 6.83 5.41 -12.77
CA ALA A 137 7.92 4.48 -12.95
C ALA A 137 9.23 5.31 -13.24
N GLY A 138 10.33 4.77 -12.72
CA GLY A 138 11.64 5.36 -12.89
C GLY A 138 12.01 6.22 -11.72
N LYS A 139 12.70 7.31 -12.00
CA LYS A 139 13.25 8.17 -10.95
C LYS A 139 12.17 9.04 -10.28
N ASN A 140 12.17 9.03 -8.96
CA ASN A 140 11.27 9.88 -8.21
C ASN A 140 12.04 10.56 -7.10
N THR A 141 11.42 11.60 -6.57
CA THR A 141 11.92 12.26 -5.35
C THR A 141 10.93 11.99 -4.22
N VAL A 142 11.42 11.35 -3.16
CA VAL A 142 10.64 11.04 -1.98
C VAL A 142 10.91 12.11 -0.90
N THR A 143 9.86 12.78 -0.49
CA THR A 143 10.02 13.91 0.43
C THR A 143 9.25 13.59 1.66
N PHE A 144 9.91 13.68 2.78
CA PHE A 144 9.30 13.67 4.13
C PHE A 144 9.35 15.06 4.73
N MET A 145 8.51 15.31 5.73
CA MET A 145 8.44 16.65 6.31
C MET A 145 8.45 16.61 7.84
N ASP A 146 9.12 17.60 8.44
CA ASP A 146 9.04 17.77 9.91
C ASP A 146 8.66 19.23 10.08
N GLY A 147 7.41 19.51 10.40
CA GLY A 147 6.96 20.91 10.45
C GLY A 147 6.94 21.48 9.05
N ASP A 148 7.69 22.55 8.79
CA ASP A 148 7.81 23.11 7.44
C ASP A 148 9.06 22.65 6.69
N THR A 149 9.88 21.84 7.36
CA THR A 149 11.16 21.41 6.85
C THR A 149 10.92 20.24 5.93
N LYS A 150 11.38 20.35 4.70
CA LYS A 150 11.29 19.24 3.75
C LYS A 150 12.61 18.53 3.71
N ILE A 151 12.55 17.21 3.78
CA ILE A 151 13.77 16.40 3.57
C ILE A 151 13.52 15.37 2.48
N SER A 152 14.46 15.23 1.54
CA SER A 152 14.11 14.46 0.34
C SER A 152 15.33 13.71 -0.17
N THR A 153 15.08 12.65 -0.89
CA THR A 153 16.12 11.86 -1.55
C THR A 153 15.56 11.26 -2.83
N THR A 154 16.41 10.73 -3.71
CA THR A 154 15.91 10.24 -4.96
C THR A 154 15.89 8.72 -4.90
N VAL A 155 15.05 8.13 -5.73
CA VAL A 155 14.96 6.68 -5.77
C VAL A 155 14.41 6.26 -7.14
N ASP A 156 14.71 5.03 -7.51
CA ASP A 156 14.19 4.54 -8.76
C ASP A 156 13.21 3.41 -8.45
N PHE A 157 11.95 3.57 -8.86
CA PHE A 157 10.91 2.55 -8.68
C PHE A 157 10.67 1.81 -10.01
N ASP A 158 10.74 0.48 -9.96
CA ASP A 158 10.45 -0.34 -11.12
C ASP A 158 8.92 -0.40 -11.33
N ALA A 159 8.50 -0.30 -12.60
CA ALA A 159 7.09 -0.49 -12.98
C ALA A 159 6.73 -1.97 -12.82
N SER A 160 5.43 -2.22 -12.71
CA SER A 160 5.00 -3.60 -12.59
C SER A 160 5.31 -4.35 -13.88
N PRO A 161 5.73 -5.62 -13.76
CA PRO A 161 6.05 -6.48 -14.90
C PRO A 161 4.78 -7.06 -15.56
N VAL A 162 3.65 -6.90 -14.87
CA VAL A 162 2.37 -7.44 -15.33
C VAL A 162 1.80 -6.52 -16.36
N SER A 163 1.36 -7.06 -17.49
CA SER A 163 0.71 -6.21 -18.52
C SER A 163 -0.63 -5.65 -18.04
N PRO A 164 -0.88 -4.37 -18.32
CA PRO A 164 -2.10 -3.74 -17.85
C PRO A 164 -3.32 -4.18 -18.63
N SER A 165 -3.16 -4.81 -19.78
CA SER A 165 -4.27 -5.08 -20.69
C SER A 165 -5.07 -6.30 -20.23
N GLY A 166 -4.45 -7.15 -19.42
CA GLY A 166 -5.13 -8.37 -18.92
C GLY A 166 -5.83 -8.01 -17.60
N TYR A 167 -6.38 -9.04 -16.96
CA TYR A 167 -6.88 -8.82 -15.59
C TYR A 167 -5.74 -8.52 -14.57
N ILE A 168 -6.09 -7.71 -13.58
CA ILE A 168 -5.18 -7.29 -12.54
C ILE A 168 -5.71 -7.77 -11.19
N THR A 169 -4.84 -8.40 -10.40
CA THR A 169 -5.19 -8.77 -9.05
C THR A 169 -4.11 -8.26 -8.15
N SER A 170 -4.53 -7.87 -6.96
CA SER A 170 -3.55 -7.40 -5.92
C SER A 170 -4.15 -7.65 -4.57
N SER A 171 -3.33 -7.99 -3.57
CA SER A 171 -3.81 -8.04 -2.20
C SER A 171 -2.76 -7.39 -1.26
N ARG A 172 -3.26 -6.67 -0.27
CA ARG A 172 -2.34 -5.96 0.64
C ARG A 172 -2.81 -6.04 2.08
N ILE A 173 -1.89 -6.39 3.00
CA ILE A 173 -2.26 -6.50 4.42
C ILE A 173 -2.47 -5.10 5.02
N ILE A 174 -3.55 -4.94 5.76
CA ILE A 174 -3.80 -3.76 6.61
C ILE A 174 -3.57 -4.19 8.10
N PRO A 175 -2.39 -3.93 8.62
CA PRO A 175 -2.02 -4.57 9.88
C PRO A 175 -2.91 -4.20 11.06
N SER A 176 -3.28 -2.95 11.15
CA SER A 176 -3.97 -2.48 12.34
C SER A 176 -5.35 -3.11 12.43
N LEU A 177 -5.81 -3.61 11.27
CA LEU A 177 -7.14 -4.17 11.14
C LEU A 177 -7.17 -5.69 11.10
N ASN A 178 -6.00 -6.28 10.94
CA ASN A 178 -5.85 -7.69 10.70
C ASN A 178 -6.75 -8.16 9.57
N LYS A 179 -6.87 -7.32 8.55
CA LYS A 179 -7.56 -7.63 7.31
C LYS A 179 -6.62 -7.34 6.13
N LEU A 180 -7.04 -7.76 4.95
CA LEU A 180 -6.31 -7.42 3.71
C LEU A 180 -7.30 -6.76 2.76
N SER A 181 -6.80 -5.93 1.84
CA SER A 181 -7.64 -5.55 0.73
C SER A 181 -7.22 -6.40 -0.46
N SER A 182 -8.22 -6.79 -1.26
CA SER A 182 -7.97 -7.52 -2.49
C SER A 182 -8.75 -6.88 -3.62
N LEU A 183 -8.07 -6.73 -4.76
CA LEU A 183 -8.59 -5.98 -5.94
C LEU A 183 -8.65 -6.91 -7.16
N PHE A 184 -9.67 -6.67 -7.96
CA PHE A 184 -9.79 -7.31 -9.27
C PHE A 184 -10.17 -6.24 -10.31
N VAL A 185 -9.35 -6.11 -11.36
CA VAL A 185 -9.62 -5.18 -12.49
C VAL A 185 -9.90 -6.01 -13.72
N VAL A 186 -10.98 -5.69 -14.43
CA VAL A 186 -11.44 -6.41 -15.59
C VAL A 186 -10.38 -6.17 -16.70
N PRO A 187 -10.12 -7.21 -17.51
CA PRO A 187 -9.30 -7.05 -18.70
C PRO A 187 -9.75 -5.89 -19.60
N GLN A 188 -8.77 -5.28 -20.29
CA GLN A 188 -9.03 -4.14 -21.09
C GLN A 188 -9.85 -4.45 -22.36
N CYS A 189 -10.91 -3.66 -22.57
CA CYS A 189 -11.61 -3.60 -23.89
C CYS A 189 -11.42 -2.14 -24.32
N GLU A 190 -10.56 -1.95 -25.31
CA GLU A 190 -10.17 -0.63 -25.82
C GLU A 190 -11.36 0.32 -26.03
N ASN A 191 -12.42 -0.17 -26.70
CA ASN A 191 -13.56 0.67 -27.07
C ASN A 191 -14.78 0.58 -26.15
N GLY A 192 -14.60 -0.02 -24.98
CA GLY A 192 -15.70 -0.05 -24.08
C GLY A 192 -16.29 -1.43 -23.90
N TYR A 193 -17.21 -1.54 -22.94
CA TYR A 193 -17.82 -2.82 -22.63
C TYR A 193 -19.31 -2.76 -22.77
N THR A 194 -19.91 -3.89 -23.16
CA THR A 194 -21.35 -4.13 -23.29
C THR A 194 -21.90 -4.75 -21.98
N SER A 195 -21.12 -5.64 -21.36
CA SER A 195 -21.59 -6.36 -20.16
C SER A 195 -20.38 -7.04 -19.55
N GLY A 196 -20.56 -7.55 -18.34
CA GLY A 196 -19.50 -8.40 -17.73
C GLY A 196 -19.84 -8.75 -16.28
N ILE A 197 -19.07 -9.69 -15.76
CA ILE A 197 -19.18 -10.12 -14.37
C ILE A 197 -17.83 -10.13 -13.71
N MET A 198 -17.68 -9.35 -12.65
CA MET A 198 -16.39 -9.27 -11.95
C MET A 198 -16.58 -9.51 -10.47
N GLY A 199 -15.53 -10.01 -9.84
CA GLY A 199 -15.61 -10.29 -8.41
C GLY A 199 -14.80 -11.54 -8.06
N PHE A 200 -14.99 -12.00 -6.84
CA PHE A 200 -14.22 -13.18 -6.38
C PHE A 200 -14.98 -13.91 -5.29
N VAL A 201 -14.77 -15.20 -5.22
CA VAL A 201 -15.31 -16.05 -4.16
C VAL A 201 -14.16 -16.45 -3.25
N ALA A 202 -14.36 -16.27 -1.93
CA ALA A 202 -13.28 -16.55 -0.97
C ALA A 202 -13.47 -17.94 -0.43
N SER A 203 -12.35 -18.64 -0.31
CA SER A 203 -12.37 -19.96 0.33
C SER A 203 -11.06 -20.23 1.08
N ASN A 204 -11.05 -21.33 1.83
CA ASN A 204 -9.81 -21.83 2.36
C ASN A 204 -9.24 -20.79 3.36
N GLY A 205 -10.16 -20.24 4.16
CA GLY A 205 -9.75 -19.47 5.34
C GLY A 205 -9.77 -17.96 5.20
N ALA A 206 -10.77 -17.49 4.42
CA ALA A 206 -10.99 -16.09 4.11
C ALA A 206 -12.48 -15.84 3.98
N THR A 207 -12.91 -14.72 4.56
CA THR A 207 -14.25 -14.26 4.35
C THR A 207 -14.13 -12.85 3.85
N ILE A 208 -15.19 -12.39 3.20
CA ILE A 208 -15.22 -11.06 2.65
C ILE A 208 -15.95 -10.14 3.61
N ASP A 209 -15.38 -8.94 3.81
CA ASP A 209 -16.03 -7.92 4.60
C ASP A 209 -16.82 -6.97 3.69
N CYS A 210 -18.16 -7.13 3.64
CA CYS A 210 -19.00 -6.36 2.71
C CYS A 210 -19.16 -4.90 3.13
N SER A 211 -18.65 -4.55 4.31
CA SER A 211 -18.80 -3.19 4.80
C SER A 211 -17.68 -2.25 4.27
N ASN A 212 -16.65 -2.86 3.70
CA ASN A 212 -15.57 -2.09 3.13
C ASN A 212 -15.29 -2.50 1.70
N VAL A 213 -16.14 -2.07 0.77
CA VAL A 213 -15.95 -2.49 -0.62
C VAL A 213 -15.90 -1.24 -1.51
N ASN A 214 -15.31 -1.40 -2.68
CA ASN A 214 -15.35 -0.33 -3.71
C ASN A 214 -15.69 -0.90 -5.08
N ILE A 215 -16.60 -0.26 -5.80
CA ILE A 215 -16.94 -0.69 -7.16
C ILE A 215 -16.95 0.58 -7.93
N GLY A 216 -16.17 0.60 -9.00
CA GLY A 216 -16.17 1.85 -9.86
C GLY A 216 -15.55 1.56 -11.22
N ILE A 217 -15.51 2.57 -12.09
CA ILE A 217 -14.73 2.49 -13.27
C ILE A 217 -13.63 3.53 -13.21
N SER A 218 -12.42 3.10 -13.60
CA SER A 218 -11.20 3.97 -13.57
C SER A 218 -10.78 4.40 -14.96
N LYS A 219 -10.35 5.65 -15.02
CA LYS A 219 -9.84 6.19 -16.31
C LYS A 219 -8.39 5.77 -16.49
N GLY A 220 -8.23 4.49 -16.89
CA GLY A 220 -6.89 3.89 -17.09
C GLY A 220 -6.32 3.47 -15.77
N LEU A 221 -5.13 2.89 -15.82
CA LEU A 221 -4.46 2.46 -14.58
C LEU A 221 -3.07 3.13 -14.52
N ASN A 222 -2.48 3.17 -13.30
CA ASN A 222 -1.10 3.71 -13.22
C ASN A 222 0.01 2.72 -13.57
N ASP A 223 1.27 3.09 -13.28
CA ASP A 223 2.38 2.26 -13.63
C ASP A 223 2.46 0.93 -12.92
N TRP A 224 1.65 0.79 -11.86
CA TRP A 224 1.59 -0.46 -11.11
C TRP A 224 0.17 -1.11 -11.22
N ASN A 225 -0.54 -0.71 -12.26
CA ASN A 225 -1.82 -1.32 -12.63
C ASN A 225 -2.96 -1.03 -11.66
N PHE A 226 -2.82 0.04 -10.86
CA PHE A 226 -3.85 0.36 -9.90
C PHE A 226 -4.80 1.42 -10.45
N PRO A 227 -6.09 1.36 -10.06
CA PRO A 227 -7.05 2.43 -10.47
C PRO A 227 -6.56 3.83 -10.01
N VAL A 228 -6.73 4.83 -10.90
CA VAL A 228 -6.38 6.20 -10.61
C VAL A 228 -7.65 7.04 -10.35
N SER A 229 -8.82 6.53 -10.75
CA SER A 229 -10.08 7.31 -10.49
C SER A 229 -11.20 6.34 -10.27
N SER A 230 -12.35 6.83 -9.81
CA SER A 230 -13.48 5.92 -9.63
C SER A 230 -14.77 6.68 -9.83
N GLU A 231 -15.53 6.25 -10.83
CA GLU A 231 -16.84 6.88 -11.12
C GLU A 231 -17.90 5.80 -11.03
N SER A 232 -19.12 6.23 -10.72
CA SER A 232 -20.25 5.33 -10.71
C SER A 232 -20.62 4.95 -12.17
N PHE A 233 -21.33 3.82 -12.31
CA PHE A 233 -21.70 3.32 -13.63
C PHE A 233 -22.82 2.28 -13.42
N SER A 234 -23.30 1.66 -14.49
CA SER A 234 -24.45 0.79 -14.40
C SER A 234 -24.02 -0.65 -14.03
N TYR A 235 -24.43 -1.02 -12.85
CA TYR A 235 -24.08 -2.34 -12.33
C TYR A 235 -25.05 -2.73 -11.26
N THR A 236 -25.09 -4.04 -11.00
CA THR A 236 -25.80 -4.61 -9.85
C THR A 236 -24.83 -5.51 -9.06
N LYS A 237 -24.85 -5.45 -7.75
CA LYS A 237 -23.94 -6.29 -7.00
C LYS A 237 -24.57 -7.08 -5.87
N THR A 238 -23.92 -8.19 -5.50
CA THR A 238 -24.32 -8.96 -4.38
C THR A 238 -23.05 -9.27 -3.61
N CYS A 239 -23.10 -9.04 -2.33
CA CYS A 239 -21.99 -9.35 -1.49
C CYS A 239 -22.42 -10.18 -0.28
N THR A 240 -21.73 -11.29 -0.07
CA THR A 240 -22.00 -12.23 1.05
C THR A 240 -20.67 -12.48 1.72
N SER A 241 -20.63 -13.27 2.79
CA SER A 241 -19.34 -13.47 3.48
C SER A 241 -18.35 -14.25 2.61
N THR A 242 -18.84 -14.95 1.58
CA THR A 242 -17.94 -15.77 0.74
C THR A 242 -17.73 -15.27 -0.68
N SER A 243 -18.62 -14.41 -1.14
CA SER A 243 -18.63 -14.04 -2.56
C SER A 243 -18.98 -12.58 -2.72
N ILE A 244 -18.18 -11.89 -3.50
CA ILE A 244 -18.64 -10.58 -4.03
C ILE A 244 -18.72 -10.64 -5.53
N THR A 245 -19.90 -10.27 -6.08
CA THR A 245 -20.16 -10.45 -7.53
C THR A 245 -20.79 -9.16 -8.00
N VAL A 246 -20.20 -8.62 -9.06
CA VAL A 246 -20.71 -7.38 -9.69
C VAL A 246 -20.96 -7.63 -11.18
N GLU A 247 -22.22 -7.46 -11.60
CA GLU A 247 -22.60 -7.59 -12.95
C GLU A 247 -22.84 -6.19 -13.49
N PHE A 248 -22.14 -5.89 -14.58
CA PHE A 248 -22.17 -4.52 -15.12
C PHE A 248 -22.62 -4.53 -16.57
N GLN A 249 -22.98 -3.36 -17.07
CA GLN A 249 -23.60 -3.22 -18.36
C GLN A 249 -22.61 -2.35 -19.18
N ASN A 250 -23.02 -1.20 -19.66
CA ASN A 250 -22.21 -0.40 -20.59
C ASN A 250 -21.18 0.44 -19.85
N VAL A 251 -19.98 0.34 -20.30
CA VAL A 251 -18.86 1.08 -19.76
C VAL A 251 -18.14 1.75 -20.94
N PRO A 252 -17.89 3.04 -20.83
CA PRO A 252 -17.31 3.80 -21.98
C PRO A 252 -15.85 3.43 -22.29
N ALA A 253 -15.43 3.75 -23.50
CA ALA A 253 -14.06 3.51 -23.87
C ALA A 253 -13.13 4.28 -22.96
N GLY A 254 -11.98 3.67 -22.65
CA GLY A 254 -10.93 4.37 -21.88
C GLY A 254 -11.12 4.09 -20.39
N TYR A 255 -12.15 3.32 -20.06
CA TYR A 255 -12.44 3.02 -18.63
C TYR A 255 -12.19 1.53 -18.32
N ARG A 256 -11.84 1.26 -17.06
CA ARG A 256 -11.66 -0.11 -16.57
C ARG A 256 -12.51 -0.31 -15.34
N PRO A 257 -13.49 -1.23 -15.41
CA PRO A 257 -14.25 -1.63 -14.23
C PRO A 257 -13.37 -2.40 -13.24
N PHE A 258 -13.58 -2.12 -11.93
CA PHE A 258 -12.83 -2.82 -10.93
C PHE A 258 -13.69 -3.01 -9.70
N VAL A 259 -13.31 -4.00 -8.91
CA VAL A 259 -14.01 -4.23 -7.59
C VAL A 259 -12.95 -4.68 -6.60
N ASP A 260 -13.03 -4.13 -5.39
CA ASP A 260 -12.13 -4.54 -4.30
C ASP A 260 -12.93 -4.69 -3.03
N ALA A 261 -12.38 -5.47 -2.11
CA ALA A 261 -13.05 -5.67 -0.82
C ALA A 261 -12.00 -5.95 0.24
N TYR A 262 -12.35 -5.65 1.50
CA TYR A 262 -11.57 -6.16 2.62
C TYR A 262 -11.84 -7.64 2.80
N ILE A 263 -10.81 -8.33 3.21
CA ILE A 263 -10.82 -9.78 3.43
C ILE A 263 -10.40 -10.04 4.87
N SER A 264 -11.23 -10.85 5.54
CA SER A 264 -10.79 -11.40 6.84
C SER A 264 -10.22 -12.80 6.68
N ALA A 265 -8.90 -12.97 6.92
CA ALA A 265 -8.29 -14.29 6.86
C ALA A 265 -8.25 -14.95 8.23
N GLU A 266 -8.51 -16.25 8.27
CA GLU A 266 -8.58 -16.96 9.57
C GLU A 266 -7.24 -17.36 10.13
N ASN A 267 -6.23 -17.18 9.30
CA ASN A 267 -4.87 -17.47 9.70
C ASN A 267 -3.91 -16.55 8.92
N ILE A 268 -2.63 -16.63 9.23
CA ILE A 268 -1.68 -15.93 8.42
C ILE A 268 -0.84 -16.90 7.58
N ASP A 269 -1.53 -17.87 7.00
CA ASP A 269 -0.87 -18.83 6.10
C ASP A 269 -1.25 -18.52 4.65
N LYS A 270 -2.51 -18.73 4.32
CA LYS A 270 -2.92 -18.58 2.92
C LYS A 270 -4.43 -18.43 2.83
N TYR A 271 -4.91 -17.85 1.72
CA TYR A 271 -6.35 -17.91 1.43
C TYR A 271 -6.50 -18.02 -0.09
N THR A 272 -7.67 -18.44 -0.53
CA THR A 272 -7.90 -18.70 -1.97
C THR A 272 -9.04 -17.86 -2.45
N LEU A 273 -8.79 -17.23 -3.57
CA LEU A 273 -9.85 -16.48 -4.31
C LEU A 273 -10.09 -17.04 -5.68
N THR A 274 -11.36 -17.21 -6.04
CA THR A 274 -11.69 -17.69 -7.34
C THR A 274 -12.48 -16.58 -8.02
N TYR A 275 -12.01 -16.23 -9.20
CA TYR A 275 -12.50 -15.04 -9.91
C TYR A 275 -13.35 -15.39 -11.12
N ALA A 276 -14.53 -14.80 -11.24
CA ALA A 276 -15.46 -15.19 -12.30
C ALA A 276 -14.96 -14.74 -13.68
N ASN A 277 -14.51 -13.50 -13.70
CA ASN A 277 -13.89 -12.90 -14.88
C ASN A 277 -14.60 -13.12 -16.20
N GLU A 278 -15.76 -12.45 -16.35
CA GLU A 278 -16.51 -12.44 -17.62
C GLU A 278 -16.58 -11.02 -18.10
N TYR A 279 -16.42 -10.87 -19.40
CA TYR A 279 -16.56 -9.54 -20.01
C TYR A 279 -16.91 -9.64 -21.49
N THR A 280 -17.70 -8.66 -21.95
CA THR A 280 -18.02 -8.55 -23.39
C THR A 280 -17.64 -7.14 -23.85
N CYS A 281 -16.61 -7.04 -24.68
CA CYS A 281 -16.21 -5.73 -25.27
C CYS A 281 -17.31 -5.29 -26.23
N GLU A 282 -17.49 -3.96 -26.39
CA GLU A 282 -18.39 -3.46 -27.43
C GLU A 282 -18.09 -4.16 -28.76
N ASN A 283 -19.16 -4.57 -29.40
CA ASN A 283 -19.09 -5.12 -30.78
C ASN A 283 -18.54 -6.56 -30.79
N GLY A 284 -18.31 -7.10 -29.59
CA GLY A 284 -17.57 -8.36 -29.47
C GLY A 284 -18.38 -9.49 -28.85
N ASN A 285 -17.73 -10.64 -28.71
CA ASN A 285 -18.37 -11.78 -28.07
C ASN A 285 -17.97 -11.90 -26.63
N THR A 286 -18.85 -12.47 -25.84
CA THR A 286 -18.53 -12.64 -24.42
C THR A 286 -17.29 -13.54 -24.25
N VAL A 287 -16.41 -13.07 -23.37
CA VAL A 287 -15.22 -13.85 -22.92
C VAL A 287 -15.45 -14.33 -21.49
N VAL A 288 -15.33 -15.63 -21.25
CA VAL A 288 -15.50 -16.23 -19.93
C VAL A 288 -14.17 -16.91 -19.60
N ASP A 289 -13.47 -16.34 -18.62
CA ASP A 289 -12.11 -16.82 -18.34
C ASP A 289 -11.83 -16.88 -16.84
N PRO A 290 -12.54 -17.75 -16.12
CA PRO A 290 -12.37 -17.79 -14.68
C PRO A 290 -11.03 -18.35 -14.34
N PHE A 291 -10.50 -17.85 -13.24
CA PHE A 291 -9.19 -18.38 -12.71
C PHE A 291 -9.15 -18.33 -11.19
N THR A 292 -8.23 -19.11 -10.59
CA THR A 292 -8.14 -19.20 -9.13
C THR A 292 -6.70 -18.80 -8.74
N LEU A 293 -6.58 -18.01 -7.68
CA LEU A 293 -5.29 -17.71 -7.09
C LEU A 293 -5.30 -18.04 -5.60
N THR A 294 -4.15 -18.54 -5.13
CA THR A 294 -3.94 -18.72 -3.72
C THR A 294 -2.96 -17.65 -3.27
N TRP A 295 -3.42 -16.86 -2.29
CA TRP A 295 -2.65 -15.71 -1.79
C TRP A 295 -1.99 -16.13 -0.52
N TRP A 296 -0.69 -15.94 -0.47
CA TRP A 296 0.12 -16.40 0.67
C TRP A 296 0.66 -15.18 1.46
N TRP A 297 0.74 -15.28 2.79
CA TRP A 297 1.32 -14.22 3.67
C TRP A 297 2.82 -14.22 3.73
N TYR A 298 3.40 -15.32 3.25
CA TYR A 298 4.87 -15.57 3.37
C TYR A 298 5.27 -16.49 2.21
N LYS A 299 6.51 -16.97 2.19
CA LYS A 299 6.88 -17.95 1.17
C LYS A 299 6.87 -19.40 1.69
N ASN A 300 6.06 -20.25 1.08
CA ASN A 300 6.01 -21.66 1.43
C ASN A 300 7.21 -22.40 0.83
N SER A 301 7.64 -23.50 1.45
CA SER A 301 8.89 -24.16 1.05
C SER A 301 9.00 -24.29 -0.48
N GLU A 302 8.10 -25.05 -1.12
CA GLU A 302 8.13 -25.09 -2.59
C GLU A 302 7.60 -23.78 -3.18
N ALA A 303 8.27 -23.32 -4.23
CA ALA A 303 7.79 -22.27 -5.12
C ALA A 303 7.69 -22.88 -6.53
N ASP A 304 6.53 -23.30 -7.02
CA ASP A 304 5.16 -23.01 -6.62
C ASP A 304 4.61 -22.42 -7.88
N SER A 305 3.33 -22.72 -8.15
CA SER A 305 2.72 -22.46 -9.46
C SER A 305 2.45 -20.98 -9.72
N ASP A 306 2.14 -20.62 -10.96
CA ASP A 306 1.70 -19.28 -11.28
C ASP A 306 0.45 -18.84 -10.50
N GLY A 307 -0.31 -19.82 -10.01
CA GLY A 307 -1.50 -19.59 -9.15
C GLY A 307 -1.20 -19.19 -7.71
N ASP A 308 0.02 -19.38 -7.26
CA ASP A 308 0.45 -18.94 -5.92
C ASP A 308 1.12 -17.58 -5.96
N VAL A 309 0.51 -16.59 -5.30
CA VAL A 309 1.01 -15.20 -5.27
C VAL A 309 1.13 -14.70 -3.80
N ILE A 310 2.01 -13.74 -3.58
CA ILE A 310 2.31 -13.27 -2.27
C ILE A 310 1.69 -11.87 -2.03
N VAL A 311 1.07 -11.71 -0.89
CA VAL A 311 0.43 -10.43 -0.57
C VAL A 311 1.53 -9.40 -0.24
N VAL A 312 1.22 -8.10 -0.36
CA VAL A 312 2.17 -7.04 0.06
C VAL A 312 1.72 -6.33 1.32
#